data_9PC9
#
_entry.id   9PC9
#
_cell.length_a   1.00
_cell.length_b   1.00
_cell.length_c   1.00
_cell.angle_alpha   90.00
_cell.angle_beta   90.00
_cell.angle_gamma   90.00
#
_symmetry.space_group_name_H-M   'P 1'
#
loop_
_entity.id
_entity.type
_entity.pdbx_description
1 polymer 'Synaptic vesicle glycoprotein 2A'
2 non-polymer (4S)-1-{[(4S)-2-(methoxymethyl)-6-(trifluoromethyl)imidazo[2,1-b][1,3,4]thiadiazol-5-yl]methyl}-4-(3,3,3-trifluoropropyl)pyrrolidin-2-one
#
_entity_poly.entity_id   1
_entity_poly.type   'polypeptide(L)'
_entity_poly.pdbx_seq_one_letter_code
;MEEGFRDRAAFIRGAKDIAKEVKKHAAKKVVKGLDRVQDEYSRRSYSRFEEEDDDDDFPAPSDGYYRGEGTQDEEEGGAS
SDATEGHDEDDEIYEGEYQGIPRAESGGKGERMADGAPLAGVRGGLSDGEGPPGGRGEAQRRKEREELAQQYEAILRECG
HGRFQWTLYFVLGLALMADGVEVFVVGFVLPSAEKDMCLSDSNKGMLGLIVYLGMMVGAFLWGGLADRLGRRQCLLISLS
VNSVFAFFSSFVQGYGTFLFCRLLSGVGIGGSIPIVFSYFSEFLAQEKRGEHLSWLCMFWMIGGVYAAAMAWAIIPHYGW
SFQMGSAYQFHSWRVFVLVCAFPSVFAIGALTTQPESPRFFLENGKHDEAWMVLKQVHDTNMRAKGHPERVFSVTHIKTI
HQEDELIEIQSDTGTWYQRWGVRALSLGGQVWGNFLSCFGPEYRRITLMMMGVWFTMSFSYYGLTVWFPDMIRHLQAVDY
ASRTKVFPGERVEHVTFNFTLENQIHRGGQYFNDKFIGLRLKSVSFEDSLFEECYFEDVTSSNTFFRNCTFINTVFYNTD
LFEYKFVNSRLINSTFLHNKEGCPLDVTGTGEGAYMVYFVSFLGTLAVLPGNIVSALLMDKIGRLRMLAGSSVMSCVSCF
FLSFGNSESAMIALLCLFGGVSIASWNALDVLTVELYPSDKRTTAFGFLNALCKLAAVLGISIFTSFVGITKAAPILFAS
AALALGSSLALKLPETRGQVLQ
;
_entity_poly.pdbx_strand_id   A
#
# COMPACT_ATOMS: atom_id res chain seq x y z
N GLU A 144 -3.51 28.12 -17.38
CA GLU A 144 -4.02 26.76 -17.27
C GLU A 144 -3.49 26.07 -16.03
N ARG A 145 -3.66 24.75 -15.96
CA ARG A 145 -3.13 23.96 -14.86
C ARG A 145 -1.76 23.37 -15.17
N GLU A 146 -1.38 23.28 -16.44
CA GLU A 146 -0.05 22.78 -16.78
C GLU A 146 1.02 23.83 -16.51
N GLU A 147 0.72 25.09 -16.78
CA GLU A 147 1.69 26.15 -16.51
C GLU A 147 1.94 26.33 -15.02
N LEU A 148 0.91 26.12 -14.20
CA LEU A 148 1.09 26.20 -12.75
C LEU A 148 1.98 25.08 -12.25
N ALA A 149 1.92 23.91 -12.88
CA ALA A 149 2.77 22.80 -12.48
C ALA A 149 4.24 23.14 -12.67
N GLN A 150 4.58 23.81 -13.77
CA GLN A 150 5.96 24.21 -13.99
C GLN A 150 6.43 25.18 -12.92
N GLN A 151 5.60 26.15 -12.56
CA GLN A 151 5.97 27.10 -11.51
C GLN A 151 6.18 26.39 -10.18
N TYR A 152 5.26 25.48 -9.83
CA TYR A 152 5.39 24.73 -8.59
C TYR A 152 6.67 23.91 -8.57
N GLU A 153 6.97 23.24 -9.68
CA GLU A 153 8.20 22.46 -9.76
C GLU A 153 9.42 23.36 -9.64
N ALA A 154 9.36 24.55 -10.22
CA ALA A 154 10.48 25.48 -10.11
C ALA A 154 10.71 25.90 -8.67
N ILE A 155 9.64 26.20 -7.94
CA ILE A 155 9.79 26.56 -6.52
C ILE A 155 10.40 25.39 -5.75
N LEU A 156 9.89 24.17 -5.99
CA LEU A 156 10.41 23.01 -5.28
C LEU A 156 11.88 22.80 -5.58
N ARG A 157 12.28 22.91 -6.84
CA ARG A 157 13.67 22.70 -7.21
C ARG A 157 14.57 23.79 -6.63
N GLU A 158 14.10 25.03 -6.64
CA GLU A 158 14.89 26.11 -6.05
C GLU A 158 15.13 25.87 -4.56
N CYS A 159 14.11 25.43 -3.84
CA CYS A 159 14.29 25.15 -2.42
C CYS A 159 15.23 23.97 -2.20
N GLY A 160 15.00 22.87 -2.90
CA GLY A 160 15.78 21.66 -2.73
C GLY A 160 15.27 20.79 -1.60
N HIS A 161 15.87 19.60 -1.51
CA HIS A 161 15.55 18.68 -0.43
C HIS A 161 16.15 19.18 0.88
N GLY A 162 15.68 18.60 1.98
CA GLY A 162 16.18 19.02 3.28
C GLY A 162 15.37 18.45 4.43
N ARG A 163 15.40 19.17 5.55
CA ARG A 163 14.83 18.65 6.79
C ARG A 163 13.33 18.40 6.66
N PHE A 164 12.60 19.32 6.04
CA PHE A 164 11.15 19.19 5.97
C PHE A 164 10.76 17.89 5.27
N GLN A 165 11.41 17.61 4.14
CA GLN A 165 11.06 16.42 3.38
C GLN A 165 11.34 15.16 4.16
N TRP A 166 12.42 15.12 4.94
CA TRP A 166 12.73 13.92 5.70
C TRP A 166 11.79 13.74 6.89
N THR A 167 11.44 14.84 7.56
CA THR A 167 10.46 14.74 8.64
C THR A 167 9.13 14.24 8.11
N LEU A 168 8.65 14.82 7.01
CA LEU A 168 7.42 14.35 6.39
C LEU A 168 7.56 12.92 5.89
N TYR A 169 8.76 12.55 5.46
CA TYR A 169 9.02 11.19 5.02
C TYR A 169 8.80 10.21 6.16
N PHE A 170 9.31 10.53 7.34
CA PHE A 170 9.11 9.65 8.49
C PHE A 170 7.65 9.64 8.94
N VAL A 171 6.98 10.78 8.88
CA VAL A 171 5.56 10.84 9.25
C VAL A 171 4.74 9.92 8.36
N LEU A 172 4.87 10.09 7.04
CA LEU A 172 4.13 9.25 6.12
C LEU A 172 4.64 7.81 6.16
N GLY A 173 5.88 7.61 6.60
CA GLY A 173 6.38 6.26 6.81
C GLY A 173 5.64 5.55 7.92
N LEU A 174 5.37 6.26 9.02
CA LEU A 174 4.51 5.69 10.06
C LEU A 174 3.11 5.43 9.53
N ALA A 175 2.59 6.36 8.73
CA ALA A 175 1.26 6.16 8.15
C ALA A 175 1.21 4.90 7.30
N LEU A 176 2.26 4.63 6.52
CA LEU A 176 2.36 3.43 5.70
C LEU A 176 2.67 2.18 6.51
N MET A 177 3.40 2.34 7.62
CA MET A 177 3.61 1.24 8.55
C MET A 177 2.30 0.72 9.09
N ALA A 178 1.37 1.64 9.40
CA ALA A 178 0.05 1.21 9.84
C ALA A 178 -0.63 0.34 8.79
N ASP A 179 -0.56 0.76 7.52
CA ASP A 179 -1.20 0.00 6.45
C ASP A 179 -0.57 -1.38 6.30
N GLY A 180 0.76 -1.46 6.36
CA GLY A 180 1.42 -2.75 6.29
C GLY A 180 1.01 -3.66 7.43
N VAL A 181 0.93 -3.11 8.64
CA VAL A 181 0.52 -3.90 9.79
C VAL A 181 -0.89 -4.44 9.60
N GLU A 182 -1.81 -3.59 9.14
CA GLU A 182 -3.18 -4.05 8.95
C GLU A 182 -3.26 -5.11 7.86
N VAL A 183 -2.51 -4.94 6.78
CA VAL A 183 -2.52 -5.93 5.71
C VAL A 183 -2.03 -7.28 6.24
N PHE A 184 -0.94 -7.28 7.00
CA PHE A 184 -0.47 -8.53 7.58
C PHE A 184 -1.52 -9.14 8.50
N VAL A 185 -2.14 -8.30 9.35
CA VAL A 185 -3.10 -8.82 10.32
C VAL A 185 -4.25 -9.49 9.60
N VAL A 186 -4.80 -8.83 8.58
CA VAL A 186 -5.93 -9.41 7.85
C VAL A 186 -5.51 -10.68 7.14
N GLY A 187 -4.35 -10.66 6.47
CA GLY A 187 -3.95 -11.79 5.65
C GLY A 187 -3.66 -13.05 6.45
N PHE A 188 -3.04 -12.90 7.62
CA PHE A 188 -2.46 -14.03 8.33
C PHE A 188 -3.05 -14.27 9.71
N VAL A 189 -3.33 -13.22 10.48
CA VAL A 189 -3.75 -13.40 11.87
C VAL A 189 -5.26 -13.57 11.99
N LEU A 190 -6.04 -12.77 11.26
CA LEU A 190 -7.48 -12.82 11.41
C LEU A 190 -8.08 -14.20 11.15
N PRO A 191 -7.65 -14.97 10.15
CA PRO A 191 -8.23 -16.31 9.98
C PRO A 191 -8.10 -17.17 11.22
N SER A 192 -7.02 -17.02 11.98
CA SER A 192 -6.83 -17.79 13.21
C SER A 192 -7.38 -17.03 14.40
N GLY A 205 -13.46 -18.69 9.21
CA GLY A 205 -12.09 -18.89 8.76
C GLY A 205 -11.76 -18.02 7.56
N MET A 206 -12.53 -18.19 6.49
CA MET A 206 -12.35 -17.39 5.29
C MET A 206 -13.01 -16.02 5.40
N LEU A 207 -13.80 -15.78 6.44
CA LEU A 207 -14.59 -14.57 6.53
C LEU A 207 -13.79 -13.37 7.01
N GLY A 208 -12.48 -13.51 7.18
CA GLY A 208 -11.63 -12.38 7.48
C GLY A 208 -11.33 -11.49 6.29
N LEU A 209 -11.77 -11.90 5.09
CA LEU A 209 -11.63 -11.07 3.90
C LEU A 209 -12.56 -9.88 3.89
N ILE A 210 -13.50 -9.82 4.84
CA ILE A 210 -14.36 -8.64 4.97
C ILE A 210 -13.50 -7.39 5.19
N VAL A 211 -12.35 -7.56 5.83
CA VAL A 211 -11.49 -6.39 6.07
C VAL A 211 -10.90 -5.90 4.77
N TYR A 212 -10.50 -6.80 3.87
CA TYR A 212 -10.06 -6.35 2.54
C TYR A 212 -11.21 -5.73 1.76
N LEU A 213 -12.40 -6.32 1.86
CA LEU A 213 -13.57 -5.80 1.16
C LEU A 213 -13.96 -4.42 1.68
N GLY A 214 -13.62 -4.09 2.92
CA GLY A 214 -13.83 -2.75 3.43
C GLY A 214 -12.64 -1.85 3.15
N MET A 215 -11.46 -2.43 3.02
CA MET A 215 -10.28 -1.67 2.66
C MET A 215 -10.45 -1.07 1.28
N MET A 216 -11.04 -1.82 0.35
CA MET A 216 -11.28 -1.27 -0.98
C MET A 216 -12.23 -0.08 -0.93
N VAL A 217 -13.32 -0.21 -0.16
CA VAL A 217 -14.29 0.87 -0.04
C VAL A 217 -13.63 2.10 0.56
N GLY A 218 -12.91 1.92 1.67
CA GLY A 218 -12.24 3.04 2.29
C GLY A 218 -11.19 3.65 1.39
N ALA A 219 -10.45 2.83 0.66
CA ALA A 219 -9.43 3.34 -0.25
C ALA A 219 -10.06 4.27 -1.27
N PHE A 220 -11.11 3.80 -1.96
CA PHE A 220 -11.75 4.67 -2.94
C PHE A 220 -12.33 5.91 -2.31
N LEU A 221 -13.02 5.76 -1.17
CA LEU A 221 -13.68 6.90 -0.54
C LEU A 221 -12.68 7.97 -0.13
N TRP A 222 -11.64 7.58 0.60
CA TRP A 222 -10.67 8.54 1.09
C TRP A 222 -9.83 9.11 -0.06
N GLY A 223 -9.49 8.29 -1.05
CA GLY A 223 -8.78 8.83 -2.21
C GLY A 223 -9.58 9.88 -2.93
N GLY A 224 -10.86 9.59 -3.18
CA GLY A 224 -11.70 10.57 -3.84
C GLY A 224 -11.88 11.84 -3.01
N LEU A 225 -12.06 11.68 -1.70
CA LEU A 225 -12.27 12.85 -0.86
C LEU A 225 -11.01 13.71 -0.77
N ALA A 226 -9.83 13.08 -0.77
CA ALA A 226 -8.58 13.81 -0.54
C ALA A 226 -8.36 14.93 -1.55
N ASP A 227 -8.94 14.82 -2.75
CA ASP A 227 -8.78 15.87 -3.74
C ASP A 227 -9.64 17.10 -3.43
N ARG A 228 -10.78 16.92 -2.78
CA ARG A 228 -11.67 18.01 -2.45
C ARG A 228 -11.42 18.58 -1.05
N LEU A 229 -10.98 17.76 -0.10
CA LEU A 229 -10.80 18.19 1.28
C LEU A 229 -9.35 18.37 1.69
N GLY A 230 -8.44 17.55 1.18
CA GLY A 230 -7.02 17.68 1.48
C GLY A 230 -6.39 16.36 1.86
N ARG A 231 -5.09 16.25 1.60
CA ARG A 231 -4.37 15.01 1.90
C ARG A 231 -4.11 14.87 3.39
N ARG A 232 -3.78 15.97 4.07
CA ARG A 232 -3.53 15.91 5.51
C ARG A 232 -4.83 15.71 6.28
N GLN A 233 -5.88 16.43 5.92
CA GLN A 233 -7.14 16.31 6.64
C GLN A 233 -7.74 14.92 6.45
N CYS A 234 -7.83 14.47 5.20
CA CYS A 234 -8.45 13.16 4.95
C CYS A 234 -7.59 12.02 5.46
N LEU A 235 -6.26 12.14 5.37
CA LEU A 235 -5.41 11.13 5.96
C LEU A 235 -5.58 11.10 7.48
N LEU A 236 -5.72 12.28 8.10
CA LEU A 236 -5.99 12.31 9.53
C LEU A 236 -7.29 11.60 9.87
N ILE A 237 -8.35 11.89 9.11
CA ILE A 237 -9.64 11.26 9.37
C ILE A 237 -9.54 9.75 9.21
N SER A 238 -8.90 9.29 8.13
CA SER A 238 -8.83 7.86 7.85
C SER A 238 -7.99 7.15 8.89
N LEU A 239 -6.83 7.71 9.25
CA LEU A 239 -6.00 7.10 10.27
C LEU A 239 -6.70 7.10 11.62
N SER A 240 -7.47 8.14 11.91
CA SER A 240 -8.23 8.17 13.17
C SER A 240 -9.27 7.07 13.19
N VAL A 241 -9.99 6.87 12.08
CA VAL A 241 -10.96 5.78 12.02
C VAL A 241 -10.26 4.44 12.23
N ASN A 242 -9.14 4.23 11.53
CA ASN A 242 -8.42 2.97 11.64
C ASN A 242 -7.95 2.73 13.07
N SER A 243 -7.36 3.75 13.68
CA SER A 243 -6.86 3.60 15.05
C SER A 243 -8.01 3.35 16.03
N VAL A 244 -9.11 4.10 15.88
CA VAL A 244 -10.25 3.94 16.78
C VAL A 244 -10.75 2.50 16.73
N PHE A 245 -10.98 1.99 15.53
CA PHE A 245 -11.60 0.66 15.45
C PHE A 245 -10.60 -0.44 15.73
N ALA A 246 -9.31 -0.24 15.43
CA ALA A 246 -8.30 -1.21 15.84
C ALA A 246 -8.20 -1.28 17.36
N PHE A 247 -8.28 -0.14 18.04
CA PHE A 247 -8.32 -0.13 19.50
C PHE A 247 -9.58 -0.82 20.01
N PHE A 248 -10.72 -0.57 19.37
CA PHE A 248 -11.97 -1.21 19.78
C PHE A 248 -11.86 -2.72 19.67
N SER A 249 -11.24 -3.21 18.59
CA SER A 249 -11.20 -4.65 18.34
C SER A 249 -10.63 -5.41 19.53
N SER A 250 -9.73 -4.79 20.29
CA SER A 250 -9.10 -5.50 21.40
C SER A 250 -10.13 -5.89 22.46
N PHE A 251 -11.05 -4.98 22.79
CA PHE A 251 -11.98 -5.20 23.89
C PHE A 251 -13.19 -6.04 23.53
N VAL A 252 -13.37 -6.37 22.25
CA VAL A 252 -14.56 -7.11 21.82
C VAL A 252 -14.55 -8.49 22.47
N GLN A 253 -15.68 -9.18 22.44
CA GLN A 253 -15.82 -10.48 23.09
C GLN A 253 -16.39 -11.53 22.15
N GLY A 254 -16.37 -11.29 20.85
CA GLY A 254 -16.89 -12.25 19.90
C GLY A 254 -16.38 -11.95 18.51
N TYR A 255 -16.54 -12.93 17.62
CA TYR A 255 -16.04 -12.75 16.26
C TYR A 255 -16.92 -11.80 15.44
N GLY A 256 -18.20 -11.67 15.77
CA GLY A 256 -19.04 -10.72 15.07
C GLY A 256 -18.54 -9.30 15.27
N THR A 257 -18.50 -8.85 16.52
CA THR A 257 -18.02 -7.51 16.81
C THR A 257 -16.57 -7.36 16.38
N PHE A 258 -15.76 -8.39 16.58
CA PHE A 258 -14.35 -8.32 16.20
C PHE A 258 -14.22 -8.04 14.71
N LEU A 259 -14.94 -8.79 13.88
CA LEU A 259 -14.82 -8.62 12.44
C LEU A 259 -15.45 -7.30 11.99
N PHE A 260 -16.51 -6.85 12.65
CA PHE A 260 -17.08 -5.55 12.31
C PHE A 260 -16.08 -4.43 12.59
N CYS A 261 -15.42 -4.48 13.75
CA CYS A 261 -14.42 -3.48 14.09
C CYS A 261 -13.22 -3.56 13.14
N ARG A 262 -12.79 -4.78 12.79
CA ARG A 262 -11.70 -4.90 11.82
C ARG A 262 -12.11 -4.40 10.45
N LEU A 263 -13.38 -4.60 10.07
CA LEU A 263 -13.86 -4.10 8.78
C LEU A 263 -13.83 -2.57 8.75
N LEU A 264 -14.30 -1.93 9.82
CA LEU A 264 -14.29 -0.47 9.83
C LEU A 264 -12.86 0.07 9.95
N SER A 265 -11.98 -0.62 10.67
CA SER A 265 -10.58 -0.18 10.70
C SER A 265 -9.91 -0.37 9.35
N GLY A 266 -10.26 -1.42 8.61
CA GLY A 266 -9.77 -1.55 7.26
C GLY A 266 -10.28 -0.46 6.35
N VAL A 267 -11.55 -0.06 6.53
CA VAL A 267 -12.06 1.10 5.82
C VAL A 267 -11.22 2.32 6.15
N GLY A 268 -10.84 2.47 7.42
CA GLY A 268 -10.02 3.60 7.81
C GLY A 268 -8.64 3.59 7.17
N ILE A 269 -8.00 2.41 7.12
CA ILE A 269 -6.62 2.32 6.62
C ILE A 269 -6.55 2.11 5.12
N GLY A 270 -7.68 1.93 4.43
CA GLY A 270 -7.63 1.73 3.00
C GLY A 270 -6.97 2.88 2.28
N GLY A 271 -7.31 4.11 2.65
CA GLY A 271 -6.82 5.27 1.96
C GLY A 271 -5.46 5.74 2.43
N SER A 272 -4.77 4.91 3.21
CA SER A 272 -3.45 5.31 3.70
C SER A 272 -2.46 5.45 2.56
N ILE A 273 -2.34 4.44 1.71
CA ILE A 273 -1.33 4.40 0.65
C ILE A 273 -1.58 5.50 -0.38
N PRO A 274 -2.79 5.61 -0.95
CA PRO A 274 -3.01 6.66 -1.96
C PRO A 274 -2.64 8.05 -1.48
N ILE A 275 -3.20 8.46 -0.35
CA ILE A 275 -3.00 9.81 0.15
C ILE A 275 -1.56 10.04 0.55
N VAL A 276 -0.92 9.07 1.21
CA VAL A 276 0.46 9.28 1.63
C VAL A 276 1.36 9.43 0.40
N PHE A 277 1.14 8.61 -0.63
CA PHE A 277 2.02 8.70 -1.80
C PHE A 277 1.80 10.01 -2.56
N SER A 278 0.55 10.40 -2.78
CA SER A 278 0.31 11.69 -3.44
C SER A 278 0.85 12.84 -2.60
N TYR A 279 0.62 12.78 -1.30
CA TYR A 279 1.02 13.83 -0.37
C TYR A 279 2.54 13.99 -0.34
N PHE A 280 3.27 12.87 -0.34
CA PHE A 280 4.72 12.94 -0.36
C PHE A 280 5.24 13.42 -1.70
N SER A 281 4.68 12.90 -2.80
CA SER A 281 5.13 13.29 -4.13
C SER A 281 4.85 14.75 -4.43
N GLU A 282 3.88 15.36 -3.75
CA GLU A 282 3.60 16.77 -3.96
C GLU A 282 4.58 17.70 -3.25
N PHE A 283 5.48 17.14 -2.43
CA PHE A 283 6.53 17.91 -1.78
C PHE A 283 7.91 17.62 -2.37
N LEU A 284 8.02 16.66 -3.27
CA LEU A 284 9.29 16.25 -3.84
C LEU A 284 9.49 16.90 -5.20
N ALA A 285 10.68 17.43 -5.44
CA ALA A 285 11.02 17.94 -6.75
C ALA A 285 11.13 16.80 -7.75
N GLN A 286 10.97 17.13 -9.03
CA GLN A 286 11.04 16.12 -10.08
C GLN A 286 12.43 15.50 -10.18
N GLU A 287 13.45 16.16 -9.62
CA GLU A 287 14.83 15.71 -9.83
C GLU A 287 15.06 14.31 -9.30
N LYS A 288 14.55 14.00 -8.10
CA LYS A 288 14.84 12.71 -7.49
C LYS A 288 13.64 12.12 -6.76
N ARG A 289 12.41 12.54 -7.10
CA ARG A 289 11.25 12.06 -6.35
C ARG A 289 11.05 10.56 -6.48
N GLY A 290 11.53 9.94 -7.56
CA GLY A 290 11.41 8.50 -7.67
C GLY A 290 12.17 7.77 -6.58
N GLU A 291 13.41 8.17 -6.34
CA GLU A 291 14.22 7.54 -5.30
C GLU A 291 13.59 7.75 -3.93
N HIS A 292 13.02 8.93 -3.69
CA HIS A 292 12.45 9.22 -2.38
C HIS A 292 11.14 8.48 -2.15
N LEU A 293 10.30 8.37 -3.19
CA LEU A 293 9.11 7.55 -3.06
C LEU A 293 9.48 6.08 -2.83
N SER A 294 10.51 5.60 -3.52
CA SER A 294 10.97 4.24 -3.27
C SER A 294 11.50 4.09 -1.84
N TRP A 295 12.16 5.10 -1.30
CA TRP A 295 12.57 5.06 0.10
C TRP A 295 11.36 4.97 1.02
N LEU A 296 10.32 5.77 0.73
CA LEU A 296 9.13 5.75 1.56
C LEU A 296 8.41 4.40 1.49
N CYS A 297 8.56 3.69 0.37
CA CYS A 297 7.94 2.38 0.25
C CYS A 297 8.45 1.40 1.31
N MET A 298 9.63 1.67 1.89
CA MET A 298 10.22 0.75 2.86
C MET A 298 9.33 0.55 4.08
N PHE A 299 8.58 1.57 4.47
CA PHE A 299 7.86 1.51 5.73
C PHE A 299 6.72 0.51 5.72
N TRP A 300 6.17 0.17 4.56
CA TRP A 300 5.21 -0.93 4.49
C TRP A 300 5.86 -2.24 4.92
N MET A 301 7.09 -2.49 4.44
CA MET A 301 7.83 -3.67 4.87
C MET A 301 8.16 -3.60 6.35
N ILE A 302 8.54 -2.42 6.83
CA ILE A 302 8.82 -2.27 8.27
C ILE A 302 7.59 -2.64 9.09
N GLY A 303 6.41 -2.16 8.69
CA GLY A 303 5.20 -2.49 9.41
C GLY A 303 4.86 -3.97 9.32
N GLY A 304 5.02 -4.57 8.14
CA GLY A 304 4.75 -5.99 8.01
C GLY A 304 5.63 -6.83 8.91
N VAL A 305 6.92 -6.54 8.92
CA VAL A 305 7.85 -7.30 9.76
C VAL A 305 7.59 -7.02 11.24
N TYR A 306 7.23 -5.77 11.57
CA TYR A 306 6.87 -5.44 12.94
C TYR A 306 5.70 -6.30 13.41
N ALA A 307 4.63 -6.34 12.62
CA ALA A 307 3.46 -7.13 13.00
C ALA A 307 3.80 -8.61 13.07
N ALA A 308 4.61 -9.10 12.12
CA ALA A 308 4.98 -10.52 12.13
C ALA A 308 5.77 -10.86 13.39
N ALA A 309 6.73 -10.01 13.77
CA ALA A 309 7.49 -10.25 14.98
C ALA A 309 6.62 -10.19 16.23
N MET A 310 5.72 -9.21 16.30
CA MET A 310 4.85 -9.12 17.47
C MET A 310 3.89 -10.30 17.55
N ALA A 311 3.44 -10.82 16.41
CA ALA A 311 2.60 -12.01 16.43
C ALA A 311 3.39 -13.24 16.85
N TRP A 312 4.61 -13.39 16.32
CA TRP A 312 5.45 -14.52 16.71
C TRP A 312 5.81 -14.45 18.20
N ALA A 313 5.86 -13.26 18.76
CA ALA A 313 6.26 -13.10 20.16
C ALA A 313 5.09 -13.14 21.13
N ILE A 314 3.91 -12.70 20.71
CA ILE A 314 2.77 -12.52 21.61
C ILE A 314 1.79 -13.67 21.53
N ILE A 315 1.36 -14.03 20.33
CA ILE A 315 0.36 -15.08 20.15
C ILE A 315 0.90 -16.15 19.21
N PRO A 316 1.85 -16.98 19.65
CA PRO A 316 2.36 -18.06 18.80
C PRO A 316 1.46 -19.29 18.74
N HIS A 317 0.22 -19.21 19.23
CA HIS A 317 -0.69 -20.34 19.27
C HIS A 317 -2.02 -19.95 18.65
N TYR A 318 -2.69 -20.94 18.09
CA TYR A 318 -3.92 -20.69 17.32
C TYR A 318 -5.09 -20.37 18.25
N GLY A 319 -5.96 -19.47 17.78
CA GLY A 319 -7.27 -19.34 18.39
C GLY A 319 -8.20 -20.49 18.04
N TRP A 320 -7.90 -21.21 16.96
CA TRP A 320 -8.65 -22.42 16.60
C TRP A 320 -8.10 -23.58 17.43
N SER A 321 -8.61 -23.68 18.65
CA SER A 321 -8.18 -24.72 19.57
C SER A 321 -6.67 -24.69 19.77
N GLN A 329 -6.98 -6.88 26.38
CA GLN A 329 -5.70 -6.67 27.04
C GLN A 329 -5.37 -7.82 27.99
N PHE A 330 -6.36 -8.68 28.25
CA PHE A 330 -6.13 -9.87 29.06
C PHE A 330 -5.62 -11.03 28.20
N HIS A 331 -6.37 -11.39 27.16
CA HIS A 331 -5.91 -12.41 26.23
C HIS A 331 -4.70 -11.91 25.45
N SER A 332 -3.88 -12.86 25.00
CA SER A 332 -2.67 -12.49 24.26
C SER A 332 -3.02 -11.81 22.94
N TRP A 333 -4.07 -12.27 22.27
CA TRP A 333 -4.43 -11.69 20.99
C TRP A 333 -4.88 -10.24 21.14
N ARG A 334 -5.50 -9.90 22.27
CA ARG A 334 -5.89 -8.50 22.50
C ARG A 334 -4.66 -7.60 22.65
N VAL A 335 -3.65 -8.08 23.36
CA VAL A 335 -2.41 -7.31 23.49
C VAL A 335 -1.76 -7.15 22.12
N PHE A 336 -1.75 -8.23 21.33
CA PHE A 336 -1.21 -8.13 19.98
C PHE A 336 -1.99 -7.11 19.15
N VAL A 337 -3.32 -7.11 19.29
CA VAL A 337 -4.15 -6.18 18.54
C VAL A 337 -3.80 -4.74 18.89
N LEU A 338 -3.68 -4.44 20.18
CA LEU A 338 -3.43 -3.04 20.54
C LEU A 338 -2.00 -2.62 20.18
N VAL A 339 -1.02 -3.52 20.33
CA VAL A 339 0.32 -3.15 19.92
C VAL A 339 0.37 -2.92 18.41
N CYS A 340 -0.40 -3.69 17.64
CA CYS A 340 -0.49 -3.44 16.21
C CYS A 340 -1.23 -2.13 15.91
N ALA A 341 -2.11 -1.71 16.81
CA ALA A 341 -2.78 -0.42 16.64
C ALA A 341 -1.83 0.75 16.92
N PHE A 342 -0.82 0.52 17.76
CA PHE A 342 0.11 1.61 18.12
C PHE A 342 0.66 2.37 16.93
N PRO A 343 1.14 1.74 15.85
CA PRO A 343 1.67 2.50 14.72
C PRO A 343 0.70 3.55 14.18
N SER A 344 -0.60 3.26 14.16
CA SER A 344 -1.57 4.25 13.69
C SER A 344 -1.60 5.46 14.61
N VAL A 345 -1.51 5.23 15.92
CA VAL A 345 -1.50 6.35 16.87
C VAL A 345 -0.25 7.19 16.67
N PHE A 346 0.90 6.55 16.49
CA PHE A 346 2.13 7.30 16.25
C PHE A 346 2.02 8.09 14.95
N ALA A 347 1.44 7.48 13.91
CA ALA A 347 1.27 8.18 12.64
C ALA A 347 0.38 9.40 12.79
N ILE A 348 -0.73 9.28 13.52
CA ILE A 348 -1.62 10.42 13.72
C ILE A 348 -0.88 11.52 14.49
N GLY A 349 -0.19 11.15 15.56
CA GLY A 349 0.51 12.14 16.35
C GLY A 349 1.57 12.86 15.55
N ALA A 350 2.28 12.13 14.69
CA ALA A 350 3.30 12.76 13.85
C ALA A 350 2.65 13.66 12.80
N LEU A 351 1.61 13.18 12.14
CA LEU A 351 1.00 13.90 11.03
C LEU A 351 0.29 15.16 11.49
N THR A 352 -0.16 15.22 12.74
CA THR A 352 -0.79 16.45 13.21
C THR A 352 0.17 17.63 13.19
N THR A 353 1.48 17.38 13.14
CA THR A 353 2.48 18.44 13.14
C THR A 353 2.91 18.86 11.74
N GLN A 354 2.33 18.25 10.68
CA GLN A 354 2.71 18.57 9.31
C GLN A 354 1.74 19.54 8.68
N PRO A 355 2.19 20.36 7.74
CA PRO A 355 1.28 21.28 7.03
C PRO A 355 0.46 20.51 6.00
N GLU A 356 -0.30 21.26 5.21
CA GLU A 356 -1.03 20.70 4.09
C GLU A 356 -0.25 20.93 2.80
N SER A 357 -0.32 19.96 1.90
CA SER A 357 0.43 20.06 0.66
C SER A 357 0.04 21.33 -0.09
N PRO A 358 1.00 22.15 -0.52
CA PRO A 358 0.63 23.41 -1.17
C PRO A 358 0.08 23.21 -2.57
N ARG A 359 0.35 22.08 -3.22
CA ARG A 359 -0.24 21.81 -4.52
C ARG A 359 -1.76 21.73 -4.42
N PHE A 360 -2.27 21.06 -3.38
CA PHE A 360 -3.71 20.98 -3.18
C PHE A 360 -4.31 22.37 -2.97
N PHE A 361 -3.66 23.18 -2.13
CA PHE A 361 -4.15 24.54 -1.91
C PHE A 361 -4.16 25.34 -3.20
N LEU A 362 -3.10 25.24 -3.99
CA LEU A 362 -3.03 25.99 -5.24
C LEU A 362 -4.12 25.55 -6.20
N GLU A 363 -4.35 24.23 -6.30
CA GLU A 363 -5.41 23.73 -7.17
C GLU A 363 -6.78 24.22 -6.72
N ASN A 364 -7.04 24.19 -5.41
CA ASN A 364 -8.36 24.59 -4.93
C ASN A 364 -8.58 26.08 -5.09
N GLY A 365 -7.53 26.89 -4.93
CA GLY A 365 -7.64 28.32 -5.06
C GLY A 365 -7.04 29.07 -3.88
N LYS A 366 -6.61 28.34 -2.85
CA LYS A 366 -6.00 28.94 -1.67
C LYS A 366 -4.50 29.16 -1.92
N HIS A 367 -4.21 30.12 -2.78
CA HIS A 367 -2.82 30.39 -3.14
C HIS A 367 -2.03 30.95 -1.97
N ASP A 368 -2.67 31.77 -1.13
CA ASP A 368 -1.97 32.31 0.03
C ASP A 368 -1.57 31.21 1.00
N GLU A 369 -2.44 30.22 1.20
CA GLU A 369 -2.11 29.11 2.07
C GLU A 369 -0.98 28.27 1.48
N ALA A 370 -0.97 28.11 0.16
CA ALA A 370 0.13 27.42 -0.50
C ALA A 370 1.44 28.18 -0.29
N TRP A 371 1.39 29.51 -0.37
CA TRP A 371 2.59 30.30 -0.09
C TRP A 371 3.06 30.11 1.34
N MET A 372 2.11 30.07 2.28
CA MET A 372 2.50 29.84 3.67
C MET A 372 3.15 28.48 3.85
N VAL A 373 2.60 27.45 3.20
CA VAL A 373 3.19 26.12 3.31
C VAL A 373 4.59 26.10 2.71
N LEU A 374 4.77 26.75 1.55
CA LEU A 374 6.08 26.79 0.93
C LEU A 374 7.08 27.58 1.77
N LYS A 375 6.62 28.64 2.43
CA LYS A 375 7.49 29.36 3.35
C LYS A 375 7.89 28.47 4.53
N GLN A 376 6.95 27.67 5.04
CA GLN A 376 7.28 26.72 6.10
C GLN A 376 8.34 25.72 5.62
N VAL A 377 8.17 25.21 4.40
CA VAL A 377 9.13 24.26 3.85
C VAL A 377 10.51 24.90 3.74
N HIS A 378 10.57 26.13 3.21
CA HIS A 378 11.85 26.80 3.05
C HIS A 378 12.49 27.10 4.39
N ASP A 379 11.71 27.54 5.38
CA ASP A 379 12.27 27.80 6.70
C ASP A 379 12.81 26.53 7.33
N THR A 380 12.06 25.43 7.21
CA THR A 380 12.52 24.18 7.79
C THR A 380 13.80 23.68 7.11
N ASN A 381 13.88 23.80 5.79
CA ASN A 381 15.08 23.37 5.08
C ASN A 381 16.26 24.32 5.27
N MET A 382 16.00 25.58 5.61
CA MET A 382 17.06 26.56 5.77
C MET A 382 18.01 26.22 6.92
N ARG A 383 17.61 25.32 7.82
CA ARG A 383 18.48 24.85 8.89
C ARG A 383 19.27 23.63 8.43
N ALA A 384 19.98 23.81 7.33
CA ALA A 384 20.75 22.75 6.68
C ALA A 384 21.73 23.41 5.71
N LYS A 385 22.44 22.59 4.93
CA LYS A 385 23.42 23.08 3.97
C LYS A 385 24.48 23.93 4.67
N GLN A 418 -30.94 16.86 4.21
CA GLN A 418 -31.78 18.04 4.34
C GLN A 418 -31.35 19.12 3.36
N ARG A 419 -31.93 20.31 3.50
CA ARG A 419 -31.60 21.41 2.60
C ARG A 419 -30.11 21.71 2.61
N TRP A 420 -29.54 21.91 3.80
CA TRP A 420 -28.10 22.12 3.94
C TRP A 420 -27.31 20.90 3.47
N GLY A 421 -27.95 19.73 3.39
CA GLY A 421 -27.28 18.53 2.91
C GLY A 421 -26.71 18.67 1.51
N VAL A 422 -27.05 19.75 0.81
CA VAL A 422 -26.50 19.98 -0.53
C VAL A 422 -24.98 20.04 -0.47
N ARG A 423 -24.42 20.43 0.67
CA ARG A 423 -22.97 20.44 0.79
C ARG A 423 -22.39 19.04 0.57
N ALA A 424 -22.90 18.06 1.32
CA ALA A 424 -22.43 16.69 1.14
C ALA A 424 -22.79 16.16 -0.24
N LEU A 425 -24.00 16.46 -0.71
CA LEU A 425 -24.42 16.00 -2.03
C LEU A 425 -23.48 16.49 -3.12
N SER A 426 -23.17 17.78 -3.14
CA SER A 426 -22.25 18.36 -4.10
C SER A 426 -20.82 17.89 -3.92
N LEU A 427 -20.36 17.67 -2.69
CA LEU A 427 -19.02 17.12 -2.51
C LEU A 427 -18.90 15.73 -3.11
N GLY A 428 -19.90 14.88 -2.84
CA GLY A 428 -19.92 13.58 -3.51
C GLY A 428 -20.00 13.72 -5.02
N GLY A 429 -20.73 14.74 -5.50
CA GLY A 429 -20.78 14.99 -6.93
C GLY A 429 -19.41 15.33 -7.50
N GLN A 430 -18.64 16.16 -6.81
CA GLN A 430 -17.29 16.47 -7.28
C GLN A 430 -16.40 15.23 -7.27
N VAL A 431 -16.52 14.40 -6.24
CA VAL A 431 -15.72 13.17 -6.20
C VAL A 431 -16.08 12.29 -7.39
N TRP A 432 -17.38 12.13 -7.66
CA TRP A 432 -17.80 11.32 -8.80
C TRP A 432 -17.35 11.92 -10.11
N GLY A 433 -17.41 13.24 -10.24
CA GLY A 433 -16.96 13.88 -11.46
C GLY A 433 -15.48 13.67 -11.72
N ASN A 434 -14.67 13.76 -10.66
CA ASN A 434 -13.24 13.47 -10.81
C ASN A 434 -13.02 12.02 -11.20
N PHE A 435 -13.76 11.09 -10.58
CA PHE A 435 -13.61 9.69 -10.93
C PHE A 435 -13.96 9.44 -12.40
N LEU A 436 -15.01 10.11 -12.89
CA LEU A 436 -15.39 9.95 -14.29
C LEU A 436 -14.40 10.64 -15.22
N SER A 437 -13.81 11.76 -14.80
CA SER A 437 -12.82 12.43 -15.62
C SER A 437 -11.51 11.65 -15.68
N CYS A 438 -11.24 10.79 -14.70
CA CYS A 438 -10.11 9.89 -14.82
C CYS A 438 -10.22 9.01 -16.04
N PHE A 439 -11.44 8.75 -16.52
CA PHE A 439 -11.68 7.97 -17.73
C PHE A 439 -12.17 8.86 -18.88
N GLY A 440 -11.66 10.09 -18.94
CA GLY A 440 -12.05 11.03 -19.97
C GLY A 440 -11.28 10.79 -21.26
N PRO A 441 -11.35 11.74 -22.20
CA PRO A 441 -10.64 11.54 -23.47
C PRO A 441 -9.16 11.27 -23.28
N GLU A 442 -8.53 11.94 -22.34
CA GLU A 442 -7.20 11.59 -21.87
C GLU A 442 -7.29 11.00 -20.47
N TYR A 443 -6.33 10.15 -20.14
CA TYR A 443 -6.28 9.35 -18.92
C TYR A 443 -7.17 8.11 -19.03
N ARG A 444 -7.88 7.89 -20.14
CA ARG A 444 -8.62 6.64 -20.27
C ARG A 444 -7.68 5.48 -20.55
N ARG A 445 -6.82 5.62 -21.57
CA ARG A 445 -5.85 4.58 -21.85
C ARG A 445 -4.89 4.40 -20.68
N ILE A 446 -4.42 5.51 -20.11
CA ILE A 446 -3.51 5.44 -18.98
C ILE A 446 -4.16 4.74 -17.80
N THR A 447 -5.41 5.10 -17.51
CA THR A 447 -6.08 4.49 -16.36
C THR A 447 -6.37 3.01 -16.60
N LEU A 448 -6.73 2.63 -17.82
CA LEU A 448 -6.98 1.22 -18.10
C LEU A 448 -5.70 0.40 -17.98
N MET A 449 -4.58 0.91 -18.50
CA MET A 449 -3.32 0.22 -18.35
C MET A 449 -2.92 0.12 -16.87
N MET A 450 -3.13 1.21 -16.13
CA MET A 450 -2.83 1.20 -14.70
C MET A 450 -3.68 0.16 -13.97
N MET A 451 -4.97 0.09 -14.28
CA MET A 451 -5.83 -0.91 -13.67
C MET A 451 -5.32 -2.31 -13.97
N GLY A 452 -4.99 -2.58 -15.23
CA GLY A 452 -4.53 -3.91 -15.58
C GLY A 452 -3.27 -4.30 -14.83
N VAL A 453 -2.27 -3.42 -14.83
CA VAL A 453 -1.00 -3.75 -14.19
C VAL A 453 -1.17 -3.86 -12.68
N TRP A 454 -1.90 -2.93 -12.07
CA TRP A 454 -2.10 -2.96 -10.62
C TRP A 454 -2.83 -4.24 -10.22
N PHE A 455 -3.89 -4.59 -10.94
CA PHE A 455 -4.64 -5.79 -10.61
C PHE A 455 -3.76 -7.02 -10.75
N THR A 456 -3.00 -7.13 -11.83
CA THR A 456 -2.14 -8.29 -11.99
C THR A 456 -1.16 -8.41 -10.84
N MET A 457 -0.47 -7.31 -10.53
CA MET A 457 0.54 -7.36 -9.46
C MET A 457 -0.09 -7.75 -8.13
N SER A 458 -1.18 -7.07 -7.75
CA SER A 458 -1.79 -7.34 -6.45
C SER A 458 -2.36 -8.74 -6.38
N PHE A 459 -3.07 -9.18 -7.43
CA PHE A 459 -3.60 -10.53 -7.46
C PHE A 459 -2.49 -11.55 -7.26
N SER A 460 -1.43 -11.46 -8.06
CA SER A 460 -0.34 -12.42 -7.94
C SER A 460 0.28 -12.40 -6.56
N TYR A 461 0.62 -11.21 -6.05
CA TYR A 461 1.32 -11.13 -4.78
C TYR A 461 0.47 -11.65 -3.64
N TYR A 462 -0.79 -11.23 -3.57
CA TYR A 462 -1.63 -11.60 -2.44
C TYR A 462 -2.08 -13.05 -2.52
N GLY A 463 -2.22 -13.60 -3.72
CA GLY A 463 -2.41 -15.04 -3.83
C GLY A 463 -1.20 -15.82 -3.37
N LEU A 464 0.00 -15.39 -3.79
CA LEU A 464 1.19 -16.17 -3.51
C LEU A 464 1.58 -16.09 -2.03
N THR A 465 1.46 -14.92 -1.41
CA THR A 465 1.90 -14.81 -0.02
C THR A 465 0.95 -15.51 0.94
N VAL A 466 -0.26 -15.84 0.51
CA VAL A 466 -1.14 -16.69 1.31
C VAL A 466 -1.00 -18.15 0.91
N TRP A 467 -0.57 -18.44 -0.32
CA TRP A 467 -0.29 -19.81 -0.70
C TRP A 467 1.03 -20.32 -0.11
N PHE A 468 1.96 -19.42 0.18
CA PHE A 468 3.27 -19.85 0.68
C PHE A 468 3.18 -20.45 2.07
N PRO A 469 2.75 -19.73 3.11
CA PRO A 469 2.66 -20.35 4.43
C PRO A 469 1.76 -21.56 4.45
N ASP A 470 0.65 -21.51 3.70
CA ASP A 470 -0.24 -22.67 3.62
C ASP A 470 0.48 -23.86 3.00
N MET A 471 1.26 -23.62 1.94
CA MET A 471 1.98 -24.71 1.30
C MET A 471 3.02 -25.29 2.24
N ILE A 472 3.75 -24.43 2.96
CA ILE A 472 4.74 -24.92 3.93
C ILE A 472 4.05 -25.73 5.02
N ARG A 473 2.91 -25.25 5.52
CA ARG A 473 2.19 -25.96 6.57
C ARG A 473 1.67 -27.31 6.08
N HIS A 474 1.20 -27.37 4.84
CA HIS A 474 0.77 -28.65 4.28
C HIS A 474 1.94 -29.59 4.09
N LEU A 475 3.10 -29.05 3.71
CA LEU A 475 4.32 -29.87 3.65
C LEU A 475 4.67 -30.40 5.03
N GLN A 476 4.57 -29.58 6.07
CA GLN A 476 4.82 -30.05 7.42
C GLN A 476 3.83 -31.14 7.81
N ALA A 477 2.56 -30.98 7.46
CA ALA A 477 1.57 -31.99 7.77
C ALA A 477 1.88 -33.31 7.09
N VAL A 478 2.23 -33.27 5.81
CA VAL A 478 2.54 -34.50 5.10
C VAL A 478 3.87 -35.10 5.52
N ASP A 479 4.81 -34.28 6.02
CA ASP A 479 6.07 -34.81 6.55
C ASP A 479 5.90 -35.43 7.92
N TYR A 480 5.00 -34.90 8.74
CA TYR A 480 4.63 -35.56 9.99
C TYR A 480 3.81 -36.82 9.74
N ALA A 481 3.01 -36.83 8.67
CA ALA A 481 2.31 -38.03 8.27
C ALA A 481 3.23 -39.05 7.59
N SER A 482 4.39 -38.61 7.11
CA SER A 482 5.37 -39.54 6.57
C SER A 482 5.84 -40.54 7.61
N ARG A 483 5.73 -40.22 8.89
CA ARG A 483 6.13 -41.13 9.95
C ARG A 483 5.35 -42.44 9.84
N GLY A 593 1.54 -23.03 17.97
CA GLY A 593 1.09 -23.78 16.81
C GLY A 593 1.00 -22.95 15.55
N ALA A 594 0.86 -21.63 15.72
CA ALA A 594 0.71 -20.72 14.61
C ALA A 594 1.97 -19.93 14.30
N TYR A 595 2.98 -19.96 15.17
CA TYR A 595 4.14 -19.11 14.98
C TYR A 595 4.95 -19.48 13.75
N MET A 596 4.73 -20.64 13.14
CA MET A 596 5.38 -20.92 11.86
C MET A 596 4.90 -19.95 10.79
N VAL A 597 3.59 -19.69 10.75
CA VAL A 597 3.06 -18.75 9.76
C VAL A 597 3.67 -17.38 9.96
N TYR A 598 3.75 -16.93 11.22
CA TYR A 598 4.27 -15.61 11.51
C TYR A 598 5.77 -15.51 11.26
N PHE A 599 6.53 -16.58 11.53
CA PHE A 599 7.95 -16.59 11.18
C PHE A 599 8.16 -16.54 9.68
N VAL A 600 7.35 -17.30 8.93
CA VAL A 600 7.45 -17.27 7.47
C VAL A 600 7.13 -15.88 6.96
N SER A 601 6.08 -15.26 7.48
CA SER A 601 5.73 -13.90 7.08
C SER A 601 6.85 -12.92 7.42
N PHE A 602 7.41 -13.04 8.63
CA PHE A 602 8.50 -12.17 9.02
C PHE A 602 9.66 -12.28 8.04
N LEU A 603 10.07 -13.51 7.72
CA LEU A 603 11.19 -13.70 6.80
C LEU A 603 10.86 -13.17 5.42
N GLY A 604 9.65 -13.45 4.93
CA GLY A 604 9.29 -13.02 3.59
C GLY A 604 9.25 -11.51 3.45
N THR A 605 8.64 -10.83 4.42
CA THR A 605 8.54 -9.37 4.34
C THR A 605 9.86 -8.71 4.65
N LEU A 606 10.72 -9.35 5.44
CA LEU A 606 12.05 -8.80 5.68
C LEU A 606 12.94 -8.93 4.45
N ALA A 607 12.78 -10.01 3.69
CA ALA A 607 13.57 -10.20 2.48
C ALA A 607 13.26 -9.14 1.43
N VAL A 608 12.11 -8.47 1.54
CA VAL A 608 11.73 -7.46 0.57
C VAL A 608 12.50 -6.16 0.70
N LEU A 609 13.19 -5.95 1.81
CA LEU A 609 13.77 -4.65 2.11
C LEU A 609 15.05 -4.41 1.33
N PRO A 610 15.94 -5.40 1.18
CA PRO A 610 17.10 -5.20 0.29
C PRO A 610 16.71 -4.88 -1.14
N GLY A 611 15.66 -5.52 -1.65
CA GLY A 611 15.19 -5.18 -2.99
C GLY A 611 14.74 -3.74 -3.09
N ASN A 612 14.09 -3.23 -2.04
CA ASN A 612 13.65 -1.84 -2.04
C ASN A 612 14.84 -0.90 -1.87
N ILE A 613 15.88 -1.33 -1.18
CA ILE A 613 17.11 -0.53 -1.10
C ILE A 613 17.72 -0.38 -2.48
N VAL A 614 17.80 -1.49 -3.22
CA VAL A 614 18.39 -1.44 -4.55
C VAL A 614 17.50 -0.66 -5.50
N SER A 615 16.18 -0.80 -5.36
CA SER A 615 15.26 -0.10 -6.25
C SER A 615 15.36 1.41 -6.08
N ALA A 616 15.38 1.88 -4.84
CA ALA A 616 15.37 3.32 -4.59
C ALA A 616 16.65 3.98 -5.10
N LEU A 617 17.79 3.34 -4.88
CA LEU A 617 19.06 3.90 -5.35
C LEU A 617 19.16 3.91 -6.87
N LEU A 618 18.38 3.06 -7.55
CA LEU A 618 18.46 2.92 -9.00
C LEU A 618 17.20 3.39 -9.72
N MET A 619 16.22 3.92 -8.99
CA MET A 619 14.96 4.31 -9.63
C MET A 619 15.18 5.43 -10.64
N ASP A 620 15.98 6.43 -10.28
CA ASP A 620 16.21 7.57 -11.17
C ASP A 620 17.39 7.35 -12.10
N LYS A 621 18.38 6.57 -11.68
CA LYS A 621 19.52 6.29 -12.54
C LYS A 621 19.11 5.48 -13.76
N ILE A 622 18.20 4.53 -13.58
CA ILE A 622 17.77 3.63 -14.66
C ILE A 622 16.51 4.21 -15.30
N GLY A 623 15.46 4.35 -14.51
CA GLY A 623 14.19 4.84 -15.01
C GLY A 623 13.04 4.23 -14.24
N ARG A 624 11.86 4.30 -14.84
CA ARG A 624 10.65 3.80 -14.19
C ARG A 624 9.92 2.79 -15.07
N LEU A 625 9.96 3.00 -16.39
CA LEU A 625 9.48 1.97 -17.30
C LEU A 625 10.44 0.78 -17.33
N ARG A 626 11.73 1.05 -17.38
CA ARG A 626 12.72 -0.02 -17.37
C ARG A 626 12.64 -0.81 -16.07
N MET A 627 12.56 -0.11 -14.93
CA MET A 627 12.46 -0.81 -13.66
C MET A 627 11.18 -1.62 -13.57
N LEU A 628 10.06 -1.04 -13.97
CA LEU A 628 8.78 -1.73 -13.88
C LEU A 628 8.79 -3.00 -14.75
N ALA A 629 9.31 -2.89 -15.98
CA ALA A 629 9.34 -4.07 -16.85
C ALA A 629 10.32 -5.12 -16.33
N GLY A 630 11.54 -4.71 -15.99
CA GLY A 630 12.53 -5.65 -15.49
C GLY A 630 12.19 -6.25 -14.15
N SER A 631 11.23 -5.67 -13.43
CA SER A 631 10.73 -6.29 -12.21
C SER A 631 9.54 -7.20 -12.48
N SER A 632 8.65 -6.82 -13.40
CA SER A 632 7.49 -7.67 -13.68
C SER A 632 7.92 -8.97 -14.34
N VAL A 633 8.81 -8.90 -15.33
CA VAL A 633 9.25 -10.14 -15.98
C VAL A 633 10.04 -10.99 -15.01
N MET A 634 10.82 -10.38 -14.12
CA MET A 634 11.57 -11.15 -13.14
C MET A 634 10.63 -11.80 -12.12
N SER A 635 9.54 -11.11 -11.76
CA SER A 635 8.55 -11.74 -10.89
C SER A 635 7.90 -12.94 -11.57
N CYS A 636 7.59 -12.82 -12.86
CA CYS A 636 7.04 -13.97 -13.58
C CYS A 636 8.03 -15.14 -13.60
N VAL A 637 9.30 -14.82 -13.84
CA VAL A 637 10.33 -15.87 -13.87
C VAL A 637 10.42 -16.55 -12.50
N SER A 638 10.38 -15.76 -11.43
CA SER A 638 10.40 -16.35 -10.10
C SER A 638 9.15 -17.17 -9.81
N CYS A 639 8.00 -16.78 -10.37
CA CYS A 639 6.82 -17.61 -10.26
C CYS A 639 7.06 -18.97 -10.90
N PHE A 640 7.70 -18.99 -12.07
CA PHE A 640 8.12 -20.27 -12.64
C PHE A 640 9.08 -21.01 -11.71
N PHE A 641 10.01 -20.29 -11.09
CA PHE A 641 10.97 -20.92 -10.19
C PHE A 641 10.30 -21.53 -8.97
N LEU A 642 9.12 -21.05 -8.59
CA LEU A 642 8.43 -21.57 -7.41
C LEU A 642 8.25 -23.08 -7.46
N SER A 643 8.32 -23.69 -8.64
CA SER A 643 8.18 -25.14 -8.74
C SER A 643 9.32 -25.85 -8.01
N PHE A 644 10.54 -25.33 -8.13
CA PHE A 644 11.72 -25.97 -7.54
C PHE A 644 11.71 -25.92 -6.01
N GLY A 645 10.81 -25.17 -5.40
CA GLY A 645 10.70 -25.17 -3.96
C GLY A 645 9.98 -26.40 -3.44
N ASN A 646 10.67 -27.54 -3.48
CA ASN A 646 10.06 -28.83 -3.16
C ASN A 646 10.12 -29.17 -1.68
N SER A 647 10.57 -28.25 -0.85
CA SER A 647 10.70 -28.50 0.59
C SER A 647 10.70 -27.17 1.33
N GLU A 648 10.11 -27.16 2.53
CA GLU A 648 9.98 -25.96 3.35
C GLU A 648 11.22 -25.08 3.31
N SER A 649 12.39 -25.70 3.44
CA SER A 649 13.63 -24.94 3.42
C SER A 649 13.74 -24.10 2.15
N ALA A 650 13.48 -24.71 1.00
CA ALA A 650 13.48 -23.98 -0.27
C ALA A 650 12.24 -23.11 -0.44
N MET A 651 11.12 -23.47 0.19
CA MET A 651 9.92 -22.65 0.06
C MET A 651 10.16 -21.26 0.63
N ILE A 652 10.82 -21.20 1.79
CA ILE A 652 11.10 -19.88 2.39
C ILE A 652 12.03 -19.09 1.47
N ALA A 653 13.05 -19.73 0.91
CA ALA A 653 14.00 -19.03 0.06
C ALA A 653 13.32 -18.48 -1.19
N LEU A 654 12.47 -19.29 -1.83
CA LEU A 654 11.74 -18.81 -3.01
C LEU A 654 10.73 -17.71 -2.67
N LEU A 655 10.09 -17.78 -1.49
CA LEU A 655 9.23 -16.69 -1.06
C LEU A 655 10.02 -15.39 -0.94
N CYS A 656 11.18 -15.47 -0.28
CA CYS A 656 12.03 -14.29 -0.14
C CYS A 656 12.48 -13.75 -1.49
N LEU A 657 12.87 -14.65 -2.39
CA LEU A 657 13.29 -14.25 -3.72
C LEU A 657 12.17 -13.53 -4.46
N PHE A 658 10.96 -14.08 -4.42
CA PHE A 658 9.84 -13.47 -5.12
C PHE A 658 9.56 -12.08 -4.57
N GLY A 659 9.53 -11.94 -3.24
CA GLY A 659 9.27 -10.62 -2.68
C GLY A 659 10.32 -9.59 -3.03
N GLY A 660 11.60 -9.98 -2.89
CA GLY A 660 12.67 -9.06 -3.20
C GLY A 660 12.69 -8.65 -4.66
N VAL A 661 12.39 -9.60 -5.55
CA VAL A 661 12.30 -9.29 -6.97
C VAL A 661 11.13 -8.36 -7.25
N SER A 662 9.98 -8.60 -6.61
CA SER A 662 8.75 -7.92 -6.99
C SER A 662 8.64 -6.51 -6.43
N ILE A 663 9.34 -6.19 -5.34
CA ILE A 663 9.16 -4.85 -4.77
C ILE A 663 9.49 -3.73 -5.75
N ALA A 664 10.42 -3.97 -6.68
CA ALA A 664 10.81 -2.92 -7.61
C ALA A 664 9.67 -2.49 -8.51
N SER A 665 8.85 -3.43 -8.99
CA SER A 665 7.71 -3.07 -9.82
C SER A 665 6.69 -2.22 -9.07
N TRP A 666 6.42 -2.53 -7.82
CA TRP A 666 5.53 -1.71 -7.01
C TRP A 666 6.09 -0.31 -6.77
N ASN A 667 7.38 -0.19 -6.49
CA ASN A 667 7.97 1.15 -6.38
C ASN A 667 7.80 1.93 -7.68
N ALA A 668 8.19 1.31 -8.80
CA ALA A 668 8.13 1.99 -10.08
C ALA A 668 6.69 2.39 -10.42
N LEU A 669 5.73 1.52 -10.11
CA LEU A 669 4.35 1.83 -10.42
C LEU A 669 3.77 2.91 -9.51
N ASP A 670 4.19 2.96 -8.24
CA ASP A 670 3.83 4.10 -7.42
C ASP A 670 4.31 5.39 -8.05
N VAL A 671 5.58 5.43 -8.44
CA VAL A 671 6.12 6.67 -8.99
C VAL A 671 5.39 7.02 -10.28
N LEU A 672 5.10 6.01 -11.12
CA LEU A 672 4.40 6.27 -12.37
C LEU A 672 2.99 6.80 -12.12
N THR A 673 2.25 6.19 -11.19
CA THR A 673 0.87 6.60 -10.97
C THR A 673 0.77 7.96 -10.27
N VAL A 674 1.81 8.38 -9.54
CA VAL A 674 1.81 9.73 -9.00
C VAL A 674 2.38 10.74 -9.98
N GLU A 675 3.17 10.31 -10.96
CA GLU A 675 3.73 11.23 -11.95
C GLU A 675 2.85 11.39 -13.18
N LEU A 676 1.89 10.51 -13.39
CA LEU A 676 1.04 10.55 -14.57
C LEU A 676 -0.31 11.24 -14.34
N TYR A 677 -0.76 11.34 -13.09
CA TYR A 677 -2.04 11.97 -12.77
C TYR A 677 -1.83 13.36 -12.23
N PRO A 678 -2.59 14.37 -12.67
CA PRO A 678 -2.46 15.69 -12.07
C PRO A 678 -2.89 15.69 -10.62
N SER A 679 -2.50 16.76 -9.91
CA SER A 679 -2.88 16.85 -8.50
C SER A 679 -4.40 16.88 -8.34
N ASP A 680 -5.13 17.39 -9.33
CA ASP A 680 -6.57 17.49 -9.20
C ASP A 680 -7.28 16.14 -9.26
N LYS A 681 -6.58 15.08 -9.70
CA LYS A 681 -7.17 13.75 -9.69
C LYS A 681 -6.16 12.68 -9.26
N ARG A 682 -5.04 13.09 -8.67
CA ARG A 682 -4.02 12.12 -8.29
C ARG A 682 -4.55 11.15 -7.25
N THR A 683 -5.10 11.67 -6.15
CA THR A 683 -5.54 10.81 -5.07
C THR A 683 -6.81 10.05 -5.43
N THR A 684 -7.68 10.63 -6.26
CA THR A 684 -8.88 9.91 -6.69
C THR A 684 -8.48 8.67 -7.49
N ALA A 685 -7.63 8.84 -8.49
CA ALA A 685 -7.19 7.71 -9.29
C ALA A 685 -6.38 6.72 -8.46
N PHE A 686 -5.51 7.22 -7.58
CA PHE A 686 -4.70 6.32 -6.76
C PHE A 686 -5.57 5.52 -5.80
N GLY A 687 -6.60 6.16 -5.22
CA GLY A 687 -7.52 5.43 -4.35
C GLY A 687 -8.35 4.42 -5.11
N PHE A 688 -8.79 4.77 -6.32
CA PHE A 688 -9.52 3.81 -7.13
C PHE A 688 -8.65 2.61 -7.46
N LEU A 689 -7.39 2.85 -7.82
CA LEU A 689 -6.49 1.74 -8.12
C LEU A 689 -6.13 0.94 -6.86
N ASN A 690 -6.11 1.59 -5.71
CA ASN A 690 -5.89 0.86 -4.45
C ASN A 690 -7.09 -0.02 -4.13
N ALA A 691 -8.30 0.46 -4.37
CA ALA A 691 -9.49 -0.38 -4.21
C ALA A 691 -9.45 -1.54 -5.18
N LEU A 692 -9.02 -1.28 -6.43
CA LEU A 692 -8.87 -2.36 -7.40
C LEU A 692 -7.86 -3.39 -6.92
N CYS A 693 -6.75 -2.92 -6.35
CA CYS A 693 -5.74 -3.82 -5.80
C CYS A 693 -6.29 -4.63 -4.62
N LYS A 694 -7.12 -4.02 -3.77
CA LYS A 694 -7.70 -4.78 -2.66
C LYS A 694 -8.67 -5.84 -3.16
N LEU A 695 -9.46 -5.51 -4.19
CA LEU A 695 -10.31 -6.53 -4.79
C LEU A 695 -9.49 -7.65 -5.41
N ALA A 696 -8.38 -7.29 -6.07
CA ALA A 696 -7.48 -8.30 -6.62
C ALA A 696 -6.91 -9.17 -5.51
N ALA A 697 -6.55 -8.56 -4.38
CA ALA A 697 -6.03 -9.31 -3.25
C ALA A 697 -7.06 -10.29 -2.72
N VAL A 698 -8.31 -9.86 -2.60
CA VAL A 698 -9.36 -10.76 -2.13
C VAL A 698 -9.52 -11.92 -3.10
N LEU A 699 -9.59 -11.63 -4.39
CA LEU A 699 -9.78 -12.69 -5.38
C LEU A 699 -8.62 -13.67 -5.36
N GLY A 700 -7.39 -13.15 -5.33
CA GLY A 700 -6.22 -14.01 -5.34
C GLY A 700 -6.11 -14.83 -4.08
N ILE A 701 -6.40 -14.23 -2.92
CA ILE A 701 -6.37 -14.99 -1.68
C ILE A 701 -7.37 -16.13 -1.73
N SER A 702 -8.61 -15.83 -2.15
CA SER A 702 -9.63 -16.88 -2.24
C SER A 702 -9.17 -18.00 -3.16
N ILE A 703 -8.74 -17.67 -4.37
CA ILE A 703 -8.38 -18.70 -5.34
C ILE A 703 -7.19 -19.52 -4.83
N PHE A 704 -6.11 -18.84 -4.41
CA PHE A 704 -4.90 -19.54 -4.04
C PHE A 704 -5.09 -20.37 -2.78
N THR A 705 -5.93 -19.92 -1.85
CA THR A 705 -6.24 -20.75 -0.68
C THR A 705 -7.14 -21.92 -1.07
N SER A 706 -7.94 -21.77 -2.13
CA SER A 706 -8.67 -22.92 -2.64
C SER A 706 -7.72 -23.95 -3.25
N PHE A 707 -6.61 -23.49 -3.83
CA PHE A 707 -5.64 -24.41 -4.41
C PHE A 707 -4.83 -25.17 -3.37
N VAL A 708 -4.76 -24.67 -2.13
CA VAL A 708 -3.82 -25.23 -1.16
C VAL A 708 -4.08 -26.72 -0.99
N GLY A 709 -2.99 -27.49 -0.89
CA GLY A 709 -3.07 -28.91 -0.62
C GLY A 709 -3.47 -29.77 -1.79
N ILE A 710 -3.60 -29.19 -2.99
CA ILE A 710 -4.00 -29.92 -4.19
C ILE A 710 -2.84 -30.01 -5.18
N THR A 711 -2.37 -28.88 -5.66
CA THR A 711 -1.26 -28.85 -6.62
C THR A 711 -0.55 -27.51 -6.50
N LYS A 712 0.78 -27.55 -6.59
CA LYS A 712 1.59 -26.34 -6.54
C LYS A 712 1.79 -25.72 -7.92
N ALA A 713 1.19 -26.31 -8.96
CA ALA A 713 1.28 -25.78 -10.32
C ALA A 713 0.14 -24.83 -10.64
N ALA A 714 -1.06 -25.05 -10.08
CA ALA A 714 -2.16 -24.12 -10.33
C ALA A 714 -1.88 -22.75 -9.75
N PRO A 715 -1.48 -22.61 -8.48
CA PRO A 715 -1.11 -21.26 -7.98
C PRO A 715 0.03 -20.64 -8.77
N ILE A 716 1.04 -21.44 -9.11
CA ILE A 716 2.18 -20.94 -9.86
C ILE A 716 1.78 -20.42 -11.22
N LEU A 717 0.97 -21.17 -11.97
CA LEU A 717 0.51 -20.72 -13.28
C LEU A 717 -0.46 -19.56 -13.21
N PHE A 718 -1.35 -19.52 -12.21
CA PHE A 718 -2.19 -18.34 -12.04
C PHE A 718 -1.37 -17.10 -11.81
N ALA A 719 -0.44 -17.13 -10.87
CA ALA A 719 0.42 -15.99 -10.60
C ALA A 719 1.30 -15.62 -11.79
N SER A 720 1.85 -16.61 -12.49
CA SER A 720 2.70 -16.33 -13.63
C SER A 720 1.91 -15.69 -14.77
N ALA A 721 0.71 -16.20 -15.07
CA ALA A 721 -0.11 -15.59 -16.10
C ALA A 721 -0.50 -14.17 -15.71
N ALA A 722 -0.89 -13.97 -14.44
CA ALA A 722 -1.21 -12.62 -13.98
C ALA A 722 -0.03 -11.68 -14.18
N LEU A 723 1.16 -12.09 -13.73
CA LEU A 723 2.32 -11.22 -13.83
C LEU A 723 2.74 -11.01 -15.27
N ALA A 724 2.56 -12.00 -16.14
CA ALA A 724 2.90 -11.83 -17.55
C ALA A 724 1.98 -10.81 -18.20
N LEU A 725 0.68 -10.90 -17.92
CA LEU A 725 -0.24 -9.89 -18.45
C LEU A 725 0.06 -8.51 -17.88
N GLY A 726 0.42 -8.45 -16.59
CA GLY A 726 0.79 -7.19 -15.99
C GLY A 726 2.03 -6.58 -16.63
N SER A 727 3.04 -7.40 -16.89
CA SER A 727 4.24 -6.92 -17.57
C SER A 727 3.92 -6.46 -18.98
N SER A 728 3.06 -7.18 -19.69
CA SER A 728 2.66 -6.77 -21.02
C SER A 728 2.00 -5.40 -20.98
N LEU A 729 1.07 -5.19 -20.06
CA LEU A 729 0.40 -3.89 -19.98
C LEU A 729 1.32 -2.80 -19.47
N ALA A 730 2.29 -3.16 -18.64
CA ALA A 730 3.26 -2.19 -18.15
C ALA A 730 4.17 -1.71 -19.28
N LEU A 731 4.54 -2.60 -20.20
CA LEU A 731 5.33 -2.18 -21.34
C LEU A 731 4.60 -1.14 -22.19
N LYS A 732 3.26 -1.14 -22.16
CA LYS A 732 2.47 -0.16 -22.90
C LYS A 732 2.28 1.15 -22.13
N LEU A 733 2.57 1.18 -20.84
CA LEU A 733 2.35 2.39 -20.07
C LEU A 733 3.21 3.53 -20.63
N PRO A 734 2.69 4.75 -20.75
CA PRO A 734 3.52 5.86 -21.22
C PRO A 734 4.53 6.28 -20.17
N GLU A 735 5.71 6.67 -20.62
CA GLU A 735 6.71 7.19 -19.70
C GLU A 735 6.14 8.39 -18.95
N THR A 736 6.45 8.47 -17.66
CA THR A 736 5.89 9.53 -16.81
C THR A 736 6.10 10.89 -17.45
N ARG A 737 7.13 11.01 -18.29
CA ARG A 737 7.40 12.24 -19.02
C ARG A 737 6.17 12.67 -19.83
N GLY A 738 5.48 11.71 -20.42
CA GLY A 738 4.31 11.99 -21.22
C GLY A 738 3.30 10.86 -21.24
#